data_9AXZ
#
_entry.id   9AXZ
#
_cell.length_a   1.00
_cell.length_b   1.00
_cell.length_c   1.00
_cell.angle_alpha   90.00
_cell.angle_beta   90.00
_cell.angle_gamma   90.00
#
_symmetry.space_group_name_H-M   'P 1'
#
loop_
_entity.id
_entity.type
_entity.pdbx_description
1 polymer 'Isoform Tau-F of Microtubule-associated protein tau'
2 non-polymer '4-hydroxy-3-{(E)-[4-(6-methyl-1,3-benzothiazol-2-yl)phenyl]diazenyl}naphthalene-2,7-disulfonic acid'
#
_entity_poly.entity_id   1
_entity_poly.type   'polypeptide(L)'
_entity_poly.pdbx_seq_one_letter_code
;MAEPRQEFEVMEDHAGTYGLGDRKDQGGYTMHQDQEGDTDAGLKESPLQTPTEDGSEEPGSETSDAKSTPTAEDVTAPLV
DEGAPGKQAAAQPHTEIPEGTTAEEAGIGDTPSLEDEAAGHVTQARMVSKSKDGTGSDDKKAKGADGKTKIATPRGAAPP
GQKGQANATRIPAKTPPAPKTPPSSGEPPKSGDRSGYSSPGSPGTPGSRSRTPSLPTPPTREPKKVAVVRTPPKSPSSAK
SRLQTAPVPMPDLKNVKSKIGSTENLKHQPGGGKVQIINKKLDLSNVQSKCGSKDNIKHVPGGGSVQIVYKPVDLSKVTS
KCGSLGNIHHKPGGGQVEVKSEKLDFKDRVQSKIGSLDNITHVPGGGNKKIETHKLTFRENAKAKTDHGAEIVYKSPVVS
GDTSPRHLSNVSSTGSIDMVDSPQLATLADEVSASLAKQGL
;
_entity_poly.pdbx_strand_id   A,B,C,D,E,F
#
# COMPACT_ATOMS: atom_id res chain seq x y z
N GLY A 273 -0.34 -23.25 -18.02
CA GLY A 273 1.01 -22.80 -17.67
C GLY A 273 1.25 -22.77 -16.17
N LYS A 274 2.51 -22.54 -15.79
CA LYS A 274 2.87 -22.51 -14.37
C LYS A 274 2.27 -21.28 -13.69
N VAL A 275 1.70 -21.49 -12.51
CA VAL A 275 1.19 -20.42 -11.67
C VAL A 275 1.74 -20.61 -10.27
N GLN A 276 2.30 -19.55 -9.69
CA GLN A 276 2.85 -19.59 -8.34
C GLN A 276 2.35 -18.39 -7.55
N ILE A 277 1.87 -18.64 -6.34
CA ILE A 277 1.28 -17.61 -5.49
C ILE A 277 1.84 -17.77 -4.08
N ILE A 278 2.27 -16.65 -3.49
CA ILE A 278 2.72 -16.61 -2.10
C ILE A 278 2.01 -15.46 -1.41
N ASN A 279 1.33 -15.77 -0.31
CA ASN A 279 0.56 -14.77 0.45
C ASN A 279 1.03 -14.77 1.90
N LYS A 280 1.30 -13.58 2.43
CA LYS A 280 1.61 -13.37 3.84
C LYS A 280 0.74 -12.20 4.30
N LYS A 281 -0.36 -12.48 4.99
CA LYS A 281 -1.35 -11.44 5.24
C LYS A 281 -1.64 -11.20 6.72
N LEU A 282 -2.09 -10.00 7.03
CA LEU A 282 -2.70 -9.66 8.30
C LEU A 282 -4.02 -8.97 7.95
N ASP A 283 -5.13 -9.66 8.19
CA ASP A 283 -6.45 -9.19 7.81
C ASP A 283 -7.30 -9.00 9.06
N LEU A 284 -7.96 -7.85 9.16
CA LEU A 284 -8.91 -7.58 10.24
C LEU A 284 -10.19 -7.07 9.61
N SER A 285 -11.22 -7.90 9.59
CA SER A 285 -12.50 -7.55 8.99
C SER A 285 -13.59 -7.60 10.05
N ASN A 286 -14.45 -6.58 10.06
CA ASN A 286 -15.61 -6.51 10.95
C ASN A 286 -15.20 -6.65 12.42
N VAL A 287 -14.35 -5.71 12.85
CA VAL A 287 -13.85 -5.67 14.21
C VAL A 287 -14.44 -4.44 14.90
N GLN A 288 -15.24 -4.67 15.95
CA GLN A 288 -15.90 -3.60 16.71
C GLN A 288 -16.84 -2.79 15.82
N SER A 289 -17.55 -3.47 14.93
CA SER A 289 -18.47 -2.83 14.00
C SER A 289 -19.90 -3.25 14.27
N LYS A 290 -20.83 -2.41 13.83
CA LYS A 290 -22.26 -2.66 13.95
C LYS A 290 -22.90 -2.71 12.57
N CYS A 291 -23.96 -3.50 12.46
CA CYS A 291 -24.70 -3.62 11.20
C CYS A 291 -26.16 -3.90 11.51
N GLY A 292 -27.04 -3.09 10.94
CA GLY A 292 -28.47 -3.25 11.15
C GLY A 292 -28.89 -3.05 12.60
N SER A 293 -28.38 -1.99 13.23
CA SER A 293 -28.66 -1.72 14.63
C SER A 293 -29.90 -0.86 14.76
N LYS A 294 -30.76 -1.20 15.73
CA LYS A 294 -31.95 -0.44 16.06
C LYS A 294 -32.07 -0.28 17.56
N ASP A 295 -30.97 0.05 18.22
CA ASP A 295 -30.90 0.04 19.68
C ASP A 295 -31.05 1.43 20.27
N ASN A 296 -31.36 1.46 21.57
CA ASN A 296 -31.50 2.71 22.32
C ASN A 296 -30.57 2.67 23.52
N ILE A 297 -29.66 3.64 23.61
CA ILE A 297 -28.72 3.75 24.70
C ILE A 297 -28.90 5.13 25.31
N LYS A 298 -28.52 5.26 26.57
CA LYS A 298 -28.52 6.56 27.24
CA LYS A 298 -28.52 6.58 27.20
C LYS A 298 -27.12 7.11 27.48
N HIS A 299 -26.20 6.27 27.99
CA HIS A 299 -24.88 6.75 28.34
C HIS A 299 -23.81 5.73 27.98
N VAL A 300 -22.78 6.19 27.27
CA VAL A 300 -21.69 5.35 26.77
C VAL A 300 -20.36 6.00 27.18
N PRO A 301 -19.94 5.90 28.45
CA PRO A 301 -18.63 6.48 28.80
C PRO A 301 -17.50 5.46 28.70
N GLY A 302 -17.13 5.14 27.46
CA GLY A 302 -16.09 4.18 27.16
C GLY A 302 -16.20 3.70 25.73
N GLY A 303 -15.06 3.48 25.08
CA GLY A 303 -15.06 3.06 23.69
C GLY A 303 -14.13 1.88 23.47
N GLY A 304 -13.75 1.65 22.22
CA GLY A 304 -12.89 0.53 21.88
C GLY A 304 -11.62 1.00 21.20
N SER A 305 -10.54 0.25 21.42
CA SER A 305 -9.22 0.61 20.94
C SER A 305 -8.59 -0.57 20.21
N VAL A 306 -7.90 -0.27 19.12
CA VAL A 306 -7.18 -1.26 18.33
C VAL A 306 -5.71 -0.85 18.29
N GLN A 307 -4.84 -1.75 18.76
CA GLN A 307 -3.41 -1.47 18.85
C GLN A 307 -2.65 -2.60 18.15
N ILE A 308 -1.93 -2.26 17.09
CA ILE A 308 -1.24 -3.23 16.25
C ILE A 308 0.22 -2.83 16.15
N VAL A 309 1.11 -3.77 16.43
CA VAL A 309 2.55 -3.59 16.26
C VAL A 309 2.99 -4.57 15.17
N TYR A 310 3.37 -4.04 14.02
CA TYR A 310 3.66 -4.84 12.83
C TYR A 310 5.16 -4.72 12.53
N LYS A 311 5.94 -5.67 13.08
CA LYS A 311 7.39 -5.69 12.91
C LYS A 311 7.83 -7.08 12.46
N PRO A 312 7.61 -7.43 11.20
CA PRO A 312 8.13 -8.69 10.68
C PRO A 312 9.51 -8.55 10.06
N VAL A 313 10.19 -9.69 9.97
CA VAL A 313 11.49 -9.79 9.32
C VAL A 313 11.38 -10.85 8.22
N ASP A 314 11.77 -10.48 7.00
CA ASP A 314 11.65 -11.35 5.84
C ASP A 314 13.03 -11.53 5.21
N LEU A 315 13.56 -12.75 5.29
CA LEU A 315 14.81 -13.10 4.63
C LEU A 315 14.61 -14.29 3.68
N SER A 316 13.39 -14.46 3.19
CA SER A 316 13.07 -15.59 2.33
C SER A 316 13.74 -15.45 0.97
N LYS A 317 13.97 -16.60 0.34
CA LYS A 317 14.56 -16.66 -0.99
C LYS A 317 13.64 -17.45 -1.92
N VAL A 318 13.35 -16.87 -3.08
CA VAL A 318 12.53 -17.53 -4.10
C VAL A 318 13.35 -17.63 -5.37
N THR A 319 13.49 -18.85 -5.88
CA THR A 319 14.31 -19.11 -7.05
C THR A 319 13.55 -19.97 -8.05
N SER A 320 13.65 -19.63 -9.33
CA SER A 320 13.06 -20.42 -10.40
C SER A 320 14.05 -20.53 -11.55
N LYS A 321 14.28 -21.76 -12.01
CA LYS A 321 15.21 -22.06 -13.09
C LYS A 321 14.46 -22.90 -14.11
N CYS A 322 14.38 -22.42 -15.34
CA CYS A 322 13.74 -23.14 -16.43
CA CYS A 322 13.74 -23.15 -16.42
C CYS A 322 14.65 -23.16 -17.65
N GLY A 323 14.72 -24.32 -18.31
CA GLY A 323 15.55 -24.45 -19.49
C GLY A 323 16.22 -25.80 -19.59
N SER A 324 16.28 -26.36 -20.79
CA SER A 324 16.89 -27.66 -20.98
C SER A 324 18.40 -27.56 -20.86
N LEU A 325 19.03 -28.69 -20.55
CA LEU A 325 20.47 -28.76 -20.35
C LEU A 325 21.00 -30.06 -20.95
N GLY A 326 22.26 -30.03 -21.37
CA GLY A 326 22.85 -31.15 -22.08
C GLY A 326 23.66 -32.09 -21.23
N ASN A 327 24.99 -32.04 -21.36
CA ASN A 327 25.89 -33.00 -20.75
C ASN A 327 26.75 -32.32 -19.69
N ILE A 328 26.91 -32.98 -18.55
CA ILE A 328 27.72 -32.49 -17.44
C ILE A 328 28.67 -33.60 -17.03
N HIS A 329 29.98 -33.34 -17.14
CA HIS A 329 30.99 -34.29 -16.66
C HIS A 329 32.11 -33.55 -15.94
N HIS A 330 31.75 -32.70 -14.98
CA HIS A 330 32.72 -32.01 -14.12
C HIS A 330 33.83 -32.94 -13.63
N GLY B 273 1.17 -19.14 -19.93
CA GLY B 273 2.50 -18.67 -19.56
C GLY B 273 2.71 -18.63 -18.07
N LYS B 274 3.96 -18.38 -17.67
CA LYS B 274 4.30 -18.33 -16.26
C LYS B 274 3.68 -17.11 -15.59
N VAL B 275 3.08 -17.31 -14.42
CA VAL B 275 2.54 -16.24 -13.59
C VAL B 275 3.07 -16.41 -12.18
N GLN B 276 3.61 -15.33 -11.60
CA GLN B 276 4.14 -15.36 -10.25
C GLN B 276 3.60 -14.16 -9.48
N ILE B 277 3.12 -14.40 -8.27
CA ILE B 277 2.48 -13.38 -7.45
C ILE B 277 3.01 -13.51 -6.02
N ILE B 278 3.41 -12.39 -5.43
CA ILE B 278 3.85 -12.32 -4.04
C ILE B 278 3.11 -11.18 -3.37
N ASN B 279 2.41 -11.48 -2.28
CA ASN B 279 1.63 -10.49 -1.54
C ASN B 279 2.07 -10.47 -0.09
N LYS B 280 2.32 -9.27 0.43
CA LYS B 280 2.59 -9.05 1.85
C LYS B 280 1.70 -7.88 2.29
N LYS B 281 0.60 -8.17 2.96
CA LYS B 281 -0.41 -7.14 3.18
C LYS B 281 -0.73 -6.90 4.65
N LEU B 282 -1.21 -5.69 4.94
CA LEU B 282 -1.85 -5.35 6.20
C LEU B 282 -3.16 -4.68 5.82
N ASP B 283 -4.26 -5.38 6.04
CA ASP B 283 -5.59 -4.94 5.63
C ASP B 283 -6.47 -4.74 6.87
N LEU B 284 -7.14 -3.61 6.95
CA LEU B 284 -8.11 -3.34 8.01
C LEU B 284 -9.39 -2.84 7.35
N SER B 285 -10.41 -3.70 7.32
CA SER B 285 -11.68 -3.36 6.69
C SER B 285 -12.79 -3.42 7.74
N ASN B 286 -13.65 -2.41 7.72
CA ASN B 286 -14.83 -2.35 8.58
C ASN B 286 -14.45 -2.46 10.07
N VAL B 287 -13.63 -1.51 10.51
CA VAL B 287 -13.15 -1.46 11.88
C VAL B 287 -13.77 -0.23 12.54
N GLN B 288 -14.58 -0.46 13.58
CA GLN B 288 -15.28 0.60 14.32
C GLN B 288 -16.20 1.40 13.40
N SER B 289 -16.89 0.70 12.51
CA SER B 289 -17.79 1.33 11.56
C SER B 289 -19.23 0.88 11.81
N LYS B 290 -20.17 1.71 11.33
CA LYS B 290 -21.59 1.44 11.44
C LYS B 290 -22.20 1.37 10.05
N CYS B 291 -23.26 0.55 9.92
CA CYS B 291 -23.96 0.41 8.65
C CYS B 291 -25.43 0.12 8.94
N GLY B 292 -26.32 0.92 8.35
CA GLY B 292 -27.74 0.74 8.54
C GLY B 292 -28.19 0.95 9.97
N SER B 293 -27.71 2.01 10.61
CA SER B 293 -28.01 2.29 12.00
C SER B 293 -29.27 3.15 12.11
N LYS B 294 -30.14 2.79 13.06
CA LYS B 294 -31.34 3.55 13.35
C LYS B 294 -31.50 3.72 14.85
N ASP B 295 -30.41 4.07 15.54
CA ASP B 295 -30.36 4.07 16.99
C ASP B 295 -30.55 5.47 17.57
N ASN B 296 -30.87 5.51 18.85
CA ASN B 296 -31.06 6.76 19.59
C ASN B 296 -30.14 6.75 20.81
N ILE B 297 -29.25 7.73 20.90
CA ILE B 297 -28.33 7.85 22.02
C ILE B 297 -28.54 9.24 22.61
N LYS B 298 -28.15 9.40 23.87
CA LYS B 298 -28.22 10.68 24.56
CA LYS B 298 -28.22 10.69 24.55
C LYS B 298 -26.86 11.27 24.89
N HIS B 299 -25.90 10.45 25.32
CA HIS B 299 -24.59 10.95 25.69
C HIS B 299 -23.50 9.93 25.35
N VAL B 300 -22.46 10.40 24.66
CA VAL B 300 -21.36 9.57 24.20
C VAL B 300 -20.05 10.25 24.62
N PRO B 301 -19.65 10.16 25.89
CA PRO B 301 -18.35 10.76 26.26
C PRO B 301 -17.20 9.75 26.20
N GLY B 302 -16.81 9.43 24.97
CA GLY B 302 -15.75 8.49 24.69
C GLY B 302 -15.82 7.99 23.26
N GLY B 303 -14.67 7.79 22.64
CA GLY B 303 -14.64 7.34 21.25
C GLY B 303 -13.69 6.18 21.06
N GLY B 304 -13.29 5.94 19.82
CA GLY B 304 -12.41 4.83 19.50
C GLY B 304 -11.13 5.30 18.84
N SER B 305 -10.05 4.57 19.09
CA SER B 305 -8.72 4.95 18.62
C SER B 305 -8.06 3.77 17.92
N VAL B 306 -7.35 4.07 16.84
CA VAL B 306 -6.60 3.07 16.07
C VAL B 306 -5.14 3.50 16.06
N GLN B 307 -4.26 2.63 16.55
CA GLN B 307 -2.84 2.92 16.66
C GLN B 307 -2.07 1.80 15.99
N ILE B 308 -1.33 2.14 14.93
CA ILE B 308 -0.61 1.17 14.12
C ILE B 308 0.85 1.59 14.04
N VAL B 309 1.75 0.66 14.34
CA VAL B 309 3.18 0.86 14.19
C VAL B 309 3.66 -0.13 13.13
N TYR B 310 4.05 0.40 11.97
CA TYR B 310 4.38 -0.41 10.79
C TYR B 310 5.87 -0.27 10.53
N LYS B 311 6.66 -1.19 11.10
CA LYS B 311 8.10 -1.20 10.95
C LYS B 311 8.57 -2.59 10.53
N PRO B 312 8.38 -2.95 9.26
CA PRO B 312 8.92 -4.21 8.76
C PRO B 312 10.32 -4.06 8.17
N VAL B 313 11.02 -5.20 8.10
CA VAL B 313 12.33 -5.28 7.46
C VAL B 313 12.25 -6.35 6.38
N ASP B 314 12.65 -5.98 5.17
CA ASP B 314 12.57 -6.87 4.01
C ASP B 314 13.97 -7.04 3.42
N LEU B 315 14.51 -8.25 3.51
CA LEU B 315 15.77 -8.60 2.87
C LEU B 315 15.61 -9.78 1.93
N SER B 316 14.40 -9.98 1.42
CA SER B 316 14.10 -11.13 0.57
C SER B 316 14.80 -11.00 -0.77
N LYS B 317 15.06 -12.14 -1.40
CA LYS B 317 15.67 -12.20 -2.72
C LYS B 317 14.78 -13.01 -3.65
N VAL B 318 14.50 -12.45 -4.82
CA VAL B 318 13.71 -13.12 -5.84
C VAL B 318 14.55 -13.23 -7.11
N THR B 319 14.72 -14.45 -7.61
CA THR B 319 15.57 -14.71 -8.76
C THR B 319 14.83 -15.59 -9.76
N SER B 320 14.95 -15.26 -11.04
CA SER B 320 14.39 -16.06 -12.12
C SER B 320 15.40 -16.17 -13.24
N LYS B 321 15.66 -17.40 -13.69
CA LYS B 321 16.60 -17.70 -14.75
C LYS B 321 15.89 -18.56 -15.79
N CYS B 322 15.85 -18.10 -17.02
CA CYS B 322 15.20 -18.84 -18.11
CA CYS B 322 15.20 -18.84 -18.11
C CYS B 322 16.12 -18.85 -19.31
N GLY B 323 16.24 -20.01 -19.96
CA GLY B 323 17.09 -20.14 -21.12
C GLY B 323 17.79 -21.49 -21.20
N SER B 324 17.86 -22.06 -22.39
CA SER B 324 18.50 -23.35 -22.57
C SER B 324 20.02 -23.23 -22.41
N LEU B 325 20.65 -24.35 -22.08
CA LEU B 325 22.08 -24.40 -21.85
C LEU B 325 22.64 -25.69 -22.42
N GLY B 326 23.92 -25.65 -22.83
CA GLY B 326 24.52 -26.77 -23.52
C GLY B 326 25.34 -27.70 -22.64
N ASN B 327 26.66 -27.63 -22.76
CA ASN B 327 27.57 -28.57 -22.12
C ASN B 327 28.40 -27.86 -21.05
N ILE B 328 28.55 -28.52 -19.90
CA ILE B 328 29.33 -28.01 -18.78
C ILE B 328 30.30 -29.09 -18.34
N HIS B 329 31.59 -28.82 -18.43
CA HIS B 329 32.61 -29.75 -17.93
C HIS B 329 33.71 -28.99 -17.19
N HIS B 330 33.32 -28.14 -16.25
CA HIS B 330 34.27 -27.43 -15.38
C HIS B 330 35.37 -28.34 -14.85
N GLY C 273 2.64 -15.03 -21.86
CA GLY C 273 3.95 -14.53 -21.47
C GLY C 273 4.15 -14.47 -19.96
N LYS C 274 5.38 -14.19 -19.54
CA LYS C 274 5.70 -14.14 -18.12
C LYS C 274 5.04 -12.92 -17.48
N VAL C 275 4.43 -13.12 -16.32
CA VAL C 275 3.86 -12.05 -15.51
C VAL C 275 4.36 -12.20 -14.08
N GLN C 276 4.87 -11.11 -13.51
CA GLN C 276 5.39 -11.11 -12.16
C GLN C 276 4.82 -9.91 -11.40
N ILE C 277 4.31 -10.16 -10.20
CA ILE C 277 3.65 -9.13 -9.40
C ILE C 277 4.16 -9.24 -7.96
N ILE C 278 4.53 -8.11 -7.37
CA ILE C 278 4.94 -8.03 -5.97
C ILE C 278 4.18 -6.89 -5.32
N ASN C 279 3.46 -7.20 -4.24
CA ASN C 279 2.64 -6.22 -3.54
C ASN C 279 3.06 -6.17 -2.07
N LYS C 280 3.28 -4.95 -1.56
CA LYS C 280 3.52 -4.71 -0.14
C LYS C 280 2.62 -3.56 0.27
N LYS C 281 1.50 -3.87 0.93
CA LYS C 281 0.47 -2.85 1.12
C LYS C 281 0.12 -2.59 2.58
N LEU C 282 -0.37 -1.39 2.85
CA LEU C 282 -1.05 -1.06 4.11
C LEU C 282 -2.36 -0.40 3.69
N ASP C 283 -3.46 -1.11 3.90
CA ASP C 283 -4.78 -0.70 3.47
C ASP C 283 -5.68 -0.51 4.69
N LEU C 284 -6.37 0.63 4.74
CA LEU C 284 -7.36 0.89 5.78
C LEU C 284 -8.63 1.35 5.10
N SER C 285 -9.64 0.49 5.05
CA SER C 285 -10.91 0.80 4.39
C SER C 285 -12.04 0.74 5.42
N ASN C 286 -12.92 1.73 5.38
CA ASN C 286 -14.11 1.78 6.22
C ASN C 286 -13.75 1.69 7.71
N VAL C 287 -12.94 2.66 8.16
CA VAL C 287 -12.50 2.73 9.54
C VAL C 287 -13.14 3.95 10.17
N GLN C 288 -13.97 3.72 11.20
CA GLN C 288 -14.70 4.79 11.91
C GLN C 288 -15.62 5.56 10.99
N SER C 289 -16.29 4.84 10.08
CA SER C 289 -17.17 5.45 9.11
C SER C 289 -18.61 4.98 9.33
N LYS C 290 -19.55 5.79 8.84
CA LYS C 290 -20.97 5.51 8.92
C LYS C 290 -21.56 5.42 7.52
N CYS C 291 -22.59 4.59 7.37
CA CYS C 291 -23.28 4.43 6.10
C CYS C 291 -24.74 4.12 6.36
N GLY C 292 -25.63 4.89 5.75
CA GLY C 292 -27.06 4.70 5.91
C GLY C 292 -27.53 4.91 7.34
N SER C 293 -27.08 5.99 7.97
CA SER C 293 -27.41 6.27 9.35
C SER C 293 -28.68 7.11 9.43
N LYS C 294 -29.56 6.75 10.37
CA LYS C 294 -30.79 7.50 10.63
C LYS C 294 -30.97 7.68 12.13
N ASP C 295 -29.90 8.04 12.83
CA ASP C 295 -29.87 8.06 14.29
C ASP C 295 -30.09 9.46 14.85
N ASN C 296 -30.44 9.51 16.13
CA ASN C 296 -30.65 10.76 16.84
C ASN C 296 -29.77 10.78 18.09
N ILE C 297 -28.89 11.77 18.18
CA ILE C 297 -27.99 11.92 19.31
C ILE C 297 -28.23 13.31 19.89
N LYS C 298 -27.86 13.48 21.16
CA LYS C 298 -27.96 14.77 21.83
CA LYS C 298 -27.96 14.77 21.83
C LYS C 298 -26.62 15.38 22.20
N HIS C 299 -25.65 14.58 22.63
CA HIS C 299 -24.36 15.10 23.03
C HIS C 299 -23.25 14.09 22.72
N VAL C 300 -22.22 14.56 22.04
CA VAL C 300 -21.08 13.75 21.60
C VAL C 300 -19.80 14.44 22.04
N PRO C 301 -19.41 14.38 23.33
CA PRO C 301 -18.13 14.99 23.71
C PRO C 301 -16.96 14.01 23.68
N GLY C 302 -16.55 13.68 22.46
CA GLY C 302 -15.48 12.75 22.21
C GLY C 302 -15.50 12.24 20.78
N GLY C 303 -14.34 12.04 20.18
CA GLY C 303 -14.29 11.59 18.80
C GLY C 303 -13.32 10.44 18.64
N GLY C 304 -12.88 10.19 17.41
CA GLY C 304 -11.98 9.09 17.12
C GLY C 304 -10.70 9.58 16.48
N SER C 305 -9.61 8.87 16.75
CA SER C 305 -8.28 9.26 16.31
C SER C 305 -7.59 8.08 15.62
N VAL C 306 -6.87 8.38 14.55
CA VAL C 306 -6.10 7.39 13.81
C VAL C 306 -4.65 7.85 13.82
N GLN C 307 -3.76 6.98 14.33
CA GLN C 307 -2.35 7.30 14.46
C GLN C 307 -1.54 6.18 13.82
N ILE C 308 -0.79 6.53 12.78
CA ILE C 308 -0.04 5.55 11.99
C ILE C 308 1.41 5.99 11.92
N VAL C 309 2.32 5.08 12.25
CA VAL C 309 3.75 5.30 12.13
C VAL C 309 4.26 4.31 11.08
N TYR C 310 4.66 4.83 9.93
CA TYR C 310 5.03 4.02 8.76
C TYR C 310 6.53 4.17 8.53
N LYS C 311 7.31 3.27 9.11
CA LYS C 311 8.77 3.28 9.00
C LYS C 311 9.26 1.89 8.60
N PRO C 312 9.10 1.51 7.32
CA PRO C 312 9.66 0.26 6.85
C PRO C 312 11.07 0.43 6.28
N VAL C 313 11.79 -0.70 6.23
CA VAL C 313 13.10 -0.77 5.62
C VAL C 313 13.06 -1.84 4.54
N ASP C 314 13.48 -1.49 3.34
CA ASP C 314 13.43 -2.39 2.19
C ASP C 314 14.85 -2.54 1.62
N LEU C 315 15.40 -3.74 1.73
CA LEU C 315 16.69 -4.08 1.13
C LEU C 315 16.54 -5.27 0.19
N SER C 316 15.35 -5.49 -0.34
CA SER C 316 15.09 -6.65 -1.19
C SER C 316 15.81 -6.52 -2.53
N LYS C 317 16.10 -7.67 -3.13
CA LYS C 317 16.74 -7.74 -4.44
C LYS C 317 15.87 -8.56 -5.38
N VAL C 318 15.60 -8.02 -6.56
CA VAL C 318 14.84 -8.71 -7.60
C VAL C 318 15.71 -8.81 -8.84
N THR C 319 15.90 -10.04 -9.33
CA THR C 319 16.78 -10.30 -10.46
C THR C 319 16.06 -11.20 -11.46
N SER C 320 16.21 -10.87 -12.75
CA SER C 320 15.67 -11.70 -13.83
C SER C 320 16.71 -11.80 -14.93
N LYS C 321 16.99 -13.03 -15.36
CA LYS C 321 17.96 -13.33 -16.41
C LYS C 321 17.29 -14.20 -17.44
N CYS C 322 17.25 -13.75 -18.69
CA CYS C 322 16.63 -14.50 -19.77
CA CYS C 322 16.64 -14.51 -19.78
C CYS C 322 17.58 -14.52 -20.96
N GLY C 323 17.72 -15.68 -21.60
CA GLY C 323 18.60 -15.81 -22.74
C GLY C 323 19.31 -17.15 -22.79
N SER C 324 19.41 -17.73 -23.98
CA SER C 324 20.08 -19.02 -24.13
C SER C 324 21.58 -18.87 -23.95
N LEU C 325 22.23 -19.98 -23.60
CA LEU C 325 23.66 -20.01 -23.35
C LEU C 325 24.24 -21.30 -23.90
N GLY C 326 25.53 -21.24 -24.28
CA GLY C 326 26.16 -22.36 -24.94
C GLY C 326 26.98 -23.26 -24.04
N ASN C 327 28.29 -23.18 -24.14
CA ASN C 327 29.21 -24.10 -23.47
C ASN C 327 30.00 -23.37 -22.39
N ILE C 328 30.14 -24.02 -21.24
CA ILE C 328 30.90 -23.48 -20.12
C ILE C 328 31.87 -24.56 -19.64
N HIS C 329 33.17 -24.27 -19.71
CA HIS C 329 34.18 -25.17 -19.19
C HIS C 329 35.26 -24.39 -18.43
N HIS C 330 34.84 -23.54 -17.50
CA HIS C 330 35.76 -22.81 -16.63
C HIS C 330 36.88 -23.70 -16.07
N GLY D 273 4.16 -10.91 -23.79
CA GLY D 273 5.46 -10.40 -23.38
C GLY D 273 5.63 -10.33 -21.87
N LYS D 274 6.84 -10.02 -21.43
CA LYS D 274 7.13 -9.95 -20.00
C LYS D 274 6.44 -8.74 -19.39
N VAL D 275 5.82 -8.93 -18.23
CA VAL D 275 5.21 -7.86 -17.45
C VAL D 275 5.69 -8.00 -16.01
N GLN D 276 6.18 -6.90 -15.44
CA GLN D 276 6.66 -6.89 -14.07
C GLN D 276 6.06 -5.69 -13.34
N ILE D 277 5.53 -5.92 -12.14
CA ILE D 277 4.84 -4.91 -11.36
C ILE D 277 5.33 -4.99 -9.92
N ILE D 278 5.67 -3.85 -9.33
CA ILE D 278 6.05 -3.76 -7.93
C ILE D 278 5.27 -2.63 -7.30
N ASN D 279 4.53 -2.93 -6.22
CA ASN D 279 3.68 -1.96 -5.55
C ASN D 279 4.07 -1.89 -4.07
N LYS D 280 4.27 -0.67 -3.57
CA LYS D 280 4.48 -0.43 -2.14
C LYS D 280 3.54 0.72 -1.77
N LYS D 281 2.42 0.41 -1.12
CA LYS D 281 1.38 1.41 -0.96
C LYS D 281 1.00 1.68 0.49
N LEU D 282 0.48 2.87 0.74
CA LEU D 282 -0.22 3.21 1.98
C LEU D 282 -1.53 3.84 1.54
N ASP D 283 -2.64 3.12 1.73
CA ASP D 283 -3.96 3.51 1.27
C ASP D 283 -4.88 3.70 2.46
N LEU D 284 -5.59 4.82 2.50
CA LEU D 284 -6.60 5.08 3.51
C LEU D 284 -7.87 5.53 2.80
N SER D 285 -8.86 4.65 2.74
CA SER D 285 -10.12 4.94 2.07
C SER D 285 -11.26 4.87 3.06
N ASN D 286 -12.16 5.85 3.01
CA ASN D 286 -13.37 5.88 3.82
C ASN D 286 -13.04 5.81 5.31
N VAL D 287 -12.25 6.79 5.76
CA VAL D 287 -11.84 6.89 7.16
C VAL D 287 -12.51 8.10 7.78
N GLN D 288 -13.36 7.87 8.78
CA GLN D 288 -14.11 8.92 9.48
C GLN D 288 -15.02 9.68 8.52
N SER D 289 -15.66 8.94 7.61
CA SER D 289 -16.54 9.53 6.61
C SER D 289 -17.97 9.04 6.82
N LYS D 290 -18.90 9.84 6.30
CA LYS D 290 -20.33 9.54 6.35
C LYS D 290 -20.88 9.42 4.93
N CYS D 291 -21.91 8.58 4.78
CA CYS D 291 -22.56 8.40 3.50
C CYS D 291 -24.03 8.07 3.73
N GLY D 292 -24.92 8.83 3.09
CA GLY D 292 -26.34 8.62 3.23
C GLY D 292 -26.85 8.84 4.64
N SER D 293 -26.42 9.93 5.27
CA SER D 293 -26.79 10.22 6.65
C SER D 293 -28.07 11.04 6.70
N LYS D 294 -28.96 10.68 7.62
CA LYS D 294 -30.21 11.41 7.85
C LYS D 294 -30.42 11.59 9.35
N ASP D 295 -29.37 11.98 10.06
CA ASP D 295 -29.37 12.01 11.52
C ASP D 295 -29.62 13.41 12.07
N ASN D 296 -29.99 13.46 13.34
CA ASN D 296 -30.23 14.72 14.05
C ASN D 296 -29.37 14.75 15.30
N ILE D 297 -28.51 15.76 15.41
CA ILE D 297 -27.64 15.93 16.55
C ILE D 297 -27.91 17.32 17.12
N LYS D 298 -27.56 17.51 18.39
CA LYS D 298 -27.70 18.80 19.05
CA LYS D 298 -27.70 18.80 19.05
C LYS D 298 -26.38 19.43 19.44
N HIS D 299 -25.41 18.64 19.90
CA HIS D 299 -24.11 19.18 20.31
C HIS D 299 -23.00 18.20 20.04
N VAL D 300 -21.95 18.69 19.37
CA VAL D 300 -20.80 17.88 18.96
C VAL D 300 -19.53 18.58 19.42
N PRO D 301 -19.18 18.54 20.72
CA PRO D 301 -17.91 19.18 21.12
C PRO D 301 -16.73 18.21 21.12
N GLY D 302 -16.29 17.88 19.91
CA GLY D 302 -15.19 16.96 19.69
C GLY D 302 -15.20 16.44 18.27
N GLY D 303 -14.01 16.25 17.69
CA GLY D 303 -13.92 15.78 16.31
C GLY D 303 -12.93 14.65 16.17
N GLY D 304 -12.48 14.40 14.97
CA GLY D 304 -11.56 13.31 14.69
C GLY D 304 -10.27 13.81 14.07
N SER D 305 -9.17 13.11 14.38
CA SER D 305 -7.84 13.51 13.95
C SER D 305 -7.13 12.35 13.29
N VAL D 306 -6.38 12.64 12.24
CA VAL D 306 -5.58 11.66 11.52
C VAL D 306 -4.14 12.13 11.55
N GLN D 307 -3.25 11.29 12.08
CA GLN D 307 -1.84 11.62 12.25
C GLN D 307 -1.01 10.52 11.62
N ILE D 308 -0.25 10.86 10.59
CA ILE D 308 0.54 9.89 9.83
C ILE D 308 1.98 10.36 9.79
N VAL D 309 2.90 9.46 10.14
CA VAL D 309 4.33 9.69 10.04
C VAL D 309 4.87 8.71 9.01
N TYR D 310 5.29 9.22 7.86
CA TYR D 310 5.68 8.40 6.72
C TYR D 310 7.18 8.58 6.51
N LYS D 311 7.97 7.69 7.11
CA LYS D 311 9.43 7.72 7.02
C LYS D 311 9.95 6.33 6.64
N PRO D 312 9.82 5.95 5.37
CA PRO D 312 10.41 4.69 4.91
C PRO D 312 11.82 4.87 4.37
N VAL D 313 12.55 3.76 4.35
CA VAL D 313 13.89 3.69 3.77
C VAL D 313 13.88 2.62 2.70
N ASP D 314 14.32 2.97 1.49
CA ASP D 314 14.31 2.06 0.35
C ASP D 314 15.73 1.93 -0.18
N LEU D 315 16.30 0.73 -0.05
CA LEU D 315 17.60 0.41 -0.63
C LEU D 315 17.49 -0.79 -1.56
N SER D 316 16.31 -1.03 -2.11
CA SER D 316 16.08 -2.20 -2.95
C SER D 316 16.83 -2.08 -4.28
N LYS D 317 17.14 -3.22 -4.87
CA LYS D 317 17.81 -3.29 -6.16
C LYS D 317 16.98 -4.13 -7.12
N VAL D 318 16.72 -3.61 -8.30
CA VAL D 318 15.99 -4.31 -9.35
C VAL D 318 16.88 -4.41 -10.57
N THR D 319 17.10 -5.64 -11.04
CA THR D 319 18.00 -5.90 -12.16
C THR D 319 17.33 -6.81 -13.17
N SER D 320 17.48 -6.50 -14.45
CA SER D 320 16.99 -7.33 -15.53
C SER D 320 18.05 -7.44 -16.62
N LYS D 321 18.35 -8.67 -17.03
CA LYS D 321 19.35 -8.95 -18.06
C LYS D 321 18.70 -9.85 -19.09
N CYS D 322 18.68 -9.41 -20.35
CA CYS D 322 18.10 -10.17 -21.44
CA CYS D 322 18.11 -10.17 -21.44
C CYS D 322 19.07 -10.18 -22.61
N GLY D 323 19.24 -11.35 -23.23
CA GLY D 323 20.13 -11.48 -24.36
C GLY D 323 20.88 -12.81 -24.38
N SER D 324 21.01 -13.39 -25.57
CA SER D 324 21.69 -14.68 -25.69
C SER D 324 23.20 -14.51 -25.49
N LEU D 325 23.85 -15.60 -25.11
CA LEU D 325 25.27 -15.61 -24.83
C LEU D 325 25.89 -16.90 -25.36
N GLY D 326 27.17 -16.82 -25.72
CA GLY D 326 27.83 -17.94 -26.36
C GLY D 326 28.64 -18.82 -25.44
N ASN D 327 29.97 -18.72 -25.51
CA ASN D 327 30.87 -19.63 -24.82
C ASN D 327 31.63 -18.88 -23.73
N ILE D 328 31.76 -19.51 -22.57
CA ILE D 328 32.49 -18.96 -21.43
C ILE D 328 33.47 -20.01 -20.93
N HIS D 329 34.76 -19.71 -20.98
CA HIS D 329 35.77 -20.60 -20.43
C HIS D 329 36.83 -19.80 -19.66
N HIS D 330 36.39 -18.95 -18.74
CA HIS D 330 37.27 -18.20 -17.86
C HIS D 330 38.39 -19.07 -17.27
N GLY E 273 5.58 -6.80 -25.73
CA GLY E 273 6.87 -6.28 -25.29
C GLY E 273 7.00 -6.18 -23.79
N LYS E 274 8.21 -5.87 -23.33
CA LYS E 274 8.46 -5.77 -21.90
C LYS E 274 7.76 -4.56 -21.30
N VAL E 275 7.10 -4.77 -20.15
CA VAL E 275 6.48 -3.69 -19.39
C VAL E 275 6.94 -3.81 -17.95
N GLN E 276 7.39 -2.70 -17.37
CA GLN E 276 7.85 -2.66 -15.99
C GLN E 276 7.22 -1.47 -15.29
N ILE E 277 6.68 -1.71 -14.09
CA ILE E 277 5.96 -0.69 -13.33
C ILE E 277 6.42 -0.76 -11.89
N ILE E 278 6.74 0.39 -11.31
CA ILE E 278 7.10 0.50 -9.89
C ILE E 278 6.28 1.63 -9.28
N ASN E 279 5.53 1.33 -8.24
CA ASN E 279 4.67 2.30 -7.57
C ASN E 279 5.02 2.38 -6.09
N LYS E 280 5.19 3.60 -5.59
CA LYS E 280 5.37 3.87 -4.16
C LYS E 280 4.42 5.01 -3.82
N LYS E 281 3.29 4.69 -3.19
CA LYS E 281 2.23 5.68 -3.06
C LYS E 281 1.82 5.95 -1.62
N LEU E 282 1.28 7.14 -1.39
CA LEU E 282 0.56 7.48 -0.17
C LEU E 282 -0.76 8.09 -0.64
N ASP E 283 -1.85 7.35 -0.45
CA ASP E 283 -3.16 7.72 -0.94
C ASP E 283 -4.11 7.91 0.23
N LEU E 284 -4.84 9.03 0.25
CA LEU E 284 -5.87 9.27 1.24
C LEU E 284 -7.13 9.70 0.50
N SER E 285 -8.11 8.80 0.43
CA SER E 285 -9.36 9.07 -0.27
C SER E 285 -10.52 8.99 0.71
N ASN E 286 -11.43 9.97 0.63
CA ASN E 286 -12.66 9.99 1.42
C ASN E 286 -12.35 9.94 2.92
N VAL E 287 -11.59 10.92 3.38
CA VAL E 287 -11.20 11.04 4.78
C VAL E 287 -11.90 12.25 5.37
N GLN E 288 -12.75 12.02 6.36
CA GLN E 288 -13.53 13.07 7.03
C GLN E 288 -14.43 13.81 6.05
N SER E 289 -15.05 13.06 5.14
CA SER E 289 -15.92 13.62 4.12
C SER E 289 -17.35 13.12 4.31
N LYS E 290 -18.29 13.89 3.76
CA LYS E 290 -19.70 13.58 3.79
C LYS E 290 -20.23 13.44 2.37
N CYS E 291 -21.24 12.58 2.20
CA CYS E 291 -21.88 12.38 0.91
C CYS E 291 -23.34 12.04 1.12
N GLY E 292 -24.23 12.78 0.46
CA GLY E 292 -25.66 12.55 0.58
C GLY E 292 -26.19 12.77 1.98
N SER E 293 -25.78 13.88 2.60
CA SER E 293 -26.18 14.18 3.97
C SER E 293 -27.47 14.98 3.98
N LYS E 294 -28.37 14.61 4.90
CA LYS E 294 -29.63 15.33 5.11
C LYS E 294 -29.88 15.52 6.60
N ASP E 295 -28.84 15.93 7.32
CA ASP E 295 -28.87 15.98 8.77
C ASP E 295 -29.15 17.38 9.31
N ASN E 296 -29.55 17.44 10.58
CA ASN E 296 -29.82 18.69 11.27
C ASN E 296 -28.98 18.74 12.54
N ILE E 297 -28.13 19.77 12.65
CA ILE E 297 -27.28 19.96 13.80
C ILE E 297 -27.58 21.35 14.36
N LYS E 298 -27.26 21.56 15.63
CA LYS E 298 -27.43 22.85 16.28
CA LYS E 298 -27.43 22.85 16.28
C LYS E 298 -26.11 23.50 16.67
N HIS E 299 -25.14 22.73 17.17
CA HIS E 299 -23.87 23.29 17.60
C HIS E 299 -22.73 22.32 17.35
N VAL E 300 -21.68 22.81 16.70
CA VAL E 300 -20.51 22.02 16.32
C VAL E 300 -19.26 22.75 16.80
N PRO E 301 -18.93 22.72 18.10
CA PRO E 301 -17.68 23.37 18.52
C PRO E 301 -16.48 22.42 18.55
N GLY E 302 -16.01 22.09 17.35
CA GLY E 302 -14.91 21.18 17.15
C GLY E 302 -14.88 20.65 15.74
N GLY E 303 -13.68 20.47 15.18
CA GLY E 303 -13.56 19.99 13.82
C GLY E 303 -12.55 18.87 13.71
N GLY E 304 -12.08 18.62 12.50
CA GLY E 304 -11.13 17.53 12.25
C GLY E 304 -9.84 18.04 11.65
N SER E 305 -8.74 17.37 11.98
CA SER E 305 -7.41 17.78 11.58
C SER E 305 -6.66 16.62 10.95
N VAL E 306 -5.91 16.92 9.90
CA VAL E 306 -5.09 15.94 9.20
C VAL E 306 -3.64 16.43 9.26
N GLN E 307 -2.76 15.61 9.81
CA GLN E 307 -1.36 15.96 9.99
C GLN E 307 -0.50 14.86 9.40
N ILE E 308 0.28 15.20 8.38
CA ILE E 308 1.08 14.25 7.63
C ILE E 308 2.53 14.71 7.62
N VAL E 309 3.45 13.83 7.99
CA VAL E 309 4.87 14.09 7.92
C VAL E 309 5.45 13.10 6.91
N TYR E 310 5.89 13.61 5.76
CA TYR E 310 6.31 12.79 4.63
C TYR E 310 7.81 12.98 4.45
N LYS E 311 8.60 12.11 5.07
CA LYS E 311 10.06 12.15 5.01
C LYS E 311 10.60 10.78 4.65
N PRO E 312 10.49 10.37 3.38
CA PRO E 312 11.12 9.12 2.94
C PRO E 312 12.53 9.32 2.43
N VAL E 313 13.27 8.22 2.43
CA VAL E 313 14.62 8.17 1.86
C VAL E 313 14.65 7.08 0.81
N ASP E 314 15.11 7.43 -0.39
CA ASP E 314 15.13 6.51 -1.52
C ASP E 314 16.55 6.38 -2.04
N LEU E 315 17.14 5.19 -1.88
CA LEU E 315 18.45 4.89 -2.43
C LEU E 315 18.38 3.67 -3.36
N SER E 316 17.21 3.42 -3.92
CA SER E 316 17.02 2.24 -4.76
C SER E 316 17.78 2.36 -6.07
N LYS E 317 18.11 1.21 -6.65
CA LYS E 317 18.81 1.15 -7.93
C LYS E 317 18.00 0.29 -8.88
N VAL E 318 17.76 0.80 -10.08
CA VAL E 318 17.05 0.07 -11.14
C VAL E 318 17.98 -0.03 -12.34
N THR E 319 18.22 -1.26 -12.80
CA THR E 319 19.14 -1.51 -13.89
C THR E 319 18.49 -2.45 -14.91
N SER E 320 18.68 -2.14 -16.19
CA SER E 320 18.21 -2.99 -17.28
C SER E 320 19.29 -3.09 -18.34
N LYS E 321 19.62 -4.32 -18.74
CA LYS E 321 20.63 -4.60 -19.74
C LYS E 321 20.02 -5.52 -20.79
N CYS E 322 20.02 -5.08 -22.04
CA CYS E 322 19.47 -5.86 -23.15
CA CYS E 322 19.47 -5.87 -23.14
C CYS E 322 20.46 -5.87 -24.29
N GLY E 323 20.65 -7.04 -24.90
CA GLY E 323 21.57 -7.17 -26.01
C GLY E 323 22.32 -8.49 -26.00
N SER E 324 22.49 -9.09 -27.18
CA SER E 324 23.19 -10.35 -27.28
C SER E 324 24.69 -10.17 -27.06
N LEU E 325 25.34 -11.25 -26.65
CA LEU E 325 26.77 -11.23 -26.35
C LEU E 325 27.41 -12.52 -26.86
N GLY E 326 28.69 -12.44 -27.20
CA GLY E 326 29.39 -13.54 -27.81
C GLY E 326 30.19 -14.42 -26.87
N ASN E 327 31.51 -14.29 -26.91
CA ASN E 327 32.42 -15.18 -26.20
C ASN E 327 33.15 -14.42 -25.11
N ILE E 328 33.26 -15.03 -23.93
CA ILE E 328 33.97 -14.46 -22.79
C ILE E 328 34.95 -15.50 -22.27
N HIS E 329 36.24 -15.18 -22.29
CA HIS E 329 37.26 -16.05 -21.72
C HIS E 329 38.29 -15.23 -20.94
N HIS E 330 37.81 -14.38 -20.03
CA HIS E 330 38.68 -13.60 -19.14
C HIS E 330 39.79 -14.46 -18.53
N GLY F 273 7.01 -2.54 -27.76
CA GLY F 273 8.28 -2.00 -27.31
C GLY F 273 8.37 -1.90 -25.80
N LYS F 274 9.57 -1.56 -25.32
CA LYS F 274 9.80 -1.46 -23.88
C LYS F 274 9.07 -0.26 -23.31
N VAL F 275 8.39 -0.46 -22.18
CA VAL F 275 7.74 0.61 -21.43
C VAL F 275 8.17 0.50 -19.97
N GLN F 276 8.60 1.62 -19.40
CA GLN F 276 9.04 1.67 -18.01
C GLN F 276 8.38 2.86 -17.32
N ILE F 277 7.81 2.62 -16.14
CA ILE F 277 7.07 3.63 -15.40
C ILE F 277 7.50 3.57 -13.94
N ILE F 278 7.79 4.74 -13.35
CA ILE F 278 8.12 4.85 -11.95
C ILE F 278 7.28 5.98 -11.36
N ASN F 279 6.51 5.67 -10.31
CA ASN F 279 5.62 6.63 -9.68
C ASN F 279 5.95 6.73 -8.19
N LYS F 280 6.10 7.95 -7.69
CA LYS F 280 6.24 8.22 -6.27
C LYS F 280 5.27 9.35 -5.94
N LYS F 281 4.12 9.03 -5.34
CA LYS F 281 3.05 10.00 -5.23
C LYS F 281 2.62 10.27 -3.80
N LEU F 282 2.06 11.46 -3.59
CA LEU F 282 1.30 11.79 -2.38
C LEU F 282 -0.01 12.39 -2.88
N ASP F 283 -1.09 11.64 -2.71
CA ASP F 283 -2.40 12.00 -3.23
C ASP F 283 -3.38 12.17 -2.07
N LEU F 284 -4.11 13.28 -2.08
CA LEU F 284 -5.17 13.53 -1.10
C LEU F 284 -6.42 13.92 -1.88
N SER F 285 -7.39 13.02 -1.96
CA SER F 285 -8.63 13.27 -2.69
C SER F 285 -9.80 13.19 -1.73
N ASN F 286 -10.72 14.15 -1.83
CA ASN F 286 -11.97 14.16 -1.07
C ASN F 286 -11.69 14.12 0.44
N VAL F 287 -10.95 15.12 0.91
CA VAL F 287 -10.58 15.24 2.31
C VAL F 287 -11.31 16.45 2.89
N GLN F 288 -12.19 16.20 3.86
CA GLN F 288 -12.99 17.26 4.52
C GLN F 288 -13.88 17.98 3.52
N SER F 289 -14.47 17.22 2.60
CA SER F 289 -15.33 17.76 1.55
C SER F 289 -16.75 17.25 1.71
N LYS F 290 -17.69 18.01 1.14
CA LYS F 290 -19.11 17.67 1.15
C LYS F 290 -19.60 17.53 -0.28
N CYS F 291 -20.59 16.66 -0.46
CA CYS F 291 -21.20 16.44 -1.77
C CYS F 291 -22.67 16.08 -1.58
N GLY F 292 -23.54 16.81 -2.26
CA GLY F 292 -24.97 16.57 -2.18
C GLY F 292 -25.53 16.79 -0.79
N SER F 293 -25.15 17.90 -0.16
CA SER F 293 -25.58 18.20 1.20
C SER F 293 -26.88 18.98 1.19
N LYS F 294 -27.81 18.61 2.08
CA LYS F 294 -29.07 19.31 2.26
C LYS F 294 -29.35 19.52 3.74
N ASP F 295 -28.33 19.93 4.49
CA ASP F 295 -28.39 19.99 5.94
C ASP F 295 -28.69 21.39 6.46
N ASN F 296 -29.12 21.45 7.72
CA ASN F 296 -29.42 22.71 8.40
C ASN F 296 -28.60 22.77 9.68
N ILE F 297 -27.77 23.81 9.80
CA ILE F 297 -26.94 24.02 10.98
C ILE F 297 -27.27 25.40 11.51
N LYS F 298 -26.97 25.63 12.80
CA LYS F 298 -27.17 26.91 13.45
CA LYS F 298 -27.18 26.92 13.44
C LYS F 298 -25.89 27.58 13.88
N HIS F 299 -24.90 26.83 14.37
CA HIS F 299 -23.65 27.40 14.82
C HIS F 299 -22.50 26.45 14.60
N VAL F 300 -21.44 26.94 13.97
CA VAL F 300 -20.25 26.16 13.62
C VAL F 300 -19.02 26.91 14.12
N PRO F 301 -18.71 26.89 15.42
CA PRO F 301 -17.48 27.56 15.86
C PRO F 301 -16.28 26.63 15.92
N GLY F 302 -15.78 26.29 14.74
CA GLY F 302 -14.65 25.39 14.56
C GLY F 302 -14.59 24.86 13.15
N GLY F 303 -13.38 24.68 12.62
CA GLY F 303 -13.23 24.21 11.26
C GLY F 303 -12.21 23.10 11.17
N GLY F 304 -11.70 22.84 9.98
CA GLY F 304 -10.74 21.77 9.76
C GLY F 304 -9.44 22.29 9.18
N SER F 305 -8.34 21.63 9.53
CA SER F 305 -7.01 22.06 9.15
C SER F 305 -6.25 20.90 8.55
N VAL F 306 -5.47 21.21 7.50
CA VAL F 306 -4.62 20.23 6.83
C VAL F 306 -3.19 20.74 6.92
N GLN F 307 -2.30 19.92 7.50
CA GLN F 307 -0.91 20.29 7.70
C GLN F 307 -0.03 19.20 7.13
N ILE F 308 0.77 19.56 6.12
CA ILE F 308 1.60 18.60 5.40
C ILE F 308 3.04 19.09 5.41
N VAL F 309 3.96 18.22 5.81
CA VAL F 309 5.38 18.49 5.76
C VAL F 309 5.99 17.51 4.76
N TYR F 310 6.44 18.01 3.63
CA TYR F 310 6.90 17.20 2.51
C TYR F 310 8.41 17.40 2.35
N LYS F 311 9.19 16.54 2.99
CA LYS F 311 10.64 16.61 2.96
C LYS F 311 11.21 15.23 2.63
N PRO F 312 11.14 14.83 1.36
CA PRO F 312 11.78 13.59 0.93
C PRO F 312 13.21 13.79 0.45
N VAL F 313 13.97 12.70 0.47
CA VAL F 313 15.32 12.66 -0.06
C VAL F 313 15.38 11.57 -1.12
N ASP F 314 15.86 11.91 -2.31
CA ASP F 314 15.91 10.99 -3.44
C ASP F 314 17.35 10.89 -3.92
N LEU F 315 17.94 9.70 -3.76
CA LEU F 315 19.27 9.41 -4.28
C LEU F 315 19.24 8.19 -5.19
N SER F 316 18.07 7.91 -5.78
CA SER F 316 17.92 6.73 -6.62
C SER F 316 18.71 6.86 -7.91
N LYS F 317 19.06 5.71 -8.49
CA LYS F 317 19.79 5.64 -9.75
C LYS F 317 19.01 4.76 -10.72
N VAL F 318 18.79 5.26 -11.92
CA VAL F 318 18.11 4.53 -12.98
C VAL F 318 19.06 4.43 -14.17
N THR F 319 19.32 3.21 -14.62
CA THR F 319 20.27 2.96 -15.70
C THR F 319 19.65 2.02 -16.71
N SER F 320 19.86 2.31 -18.00
CA SER F 320 19.41 1.45 -19.08
C SER F 320 20.51 1.37 -20.13
N LYS F 321 20.87 0.14 -20.51
CA LYS F 321 21.91 -0.14 -21.50
C LYS F 321 21.32 -1.07 -22.54
N CYS F 322 21.34 -0.64 -23.80
CA CYS F 322 20.82 -1.43 -24.90
CA CYS F 322 20.82 -1.43 -24.90
C CYS F 322 21.84 -1.43 -26.04
N GLY F 323 22.06 -2.61 -26.64
CA GLY F 323 23.00 -2.73 -27.72
C GLY F 323 23.77 -4.03 -27.70
N SER F 324 23.97 -4.64 -28.87
CA SER F 324 24.68 -5.90 -28.96
C SER F 324 26.17 -5.69 -28.70
N LEU F 325 26.83 -6.77 -28.28
CA LEU F 325 28.24 -6.73 -27.94
C LEU F 325 28.91 -8.01 -28.43
N GLY F 326 30.20 -7.91 -28.74
CA GLY F 326 30.92 -9.01 -29.34
C GLY F 326 31.71 -9.87 -28.37
N ASN F 327 33.03 -9.73 -28.40
CA ASN F 327 33.94 -10.61 -27.67
C ASN F 327 34.64 -9.83 -26.56
N ILE F 328 34.74 -10.44 -25.38
CA ILE F 328 35.41 -9.86 -24.23
C ILE F 328 36.39 -10.88 -23.68
N HIS F 329 37.68 -10.54 -23.68
CA HIS F 329 38.70 -11.39 -23.08
C HIS F 329 39.71 -10.56 -22.29
N HIS F 330 39.19 -9.71 -21.39
CA HIS F 330 40.04 -8.93 -20.49
C HIS F 330 41.15 -9.75 -19.85
#